data_3KX1
#
_entry.id   3KX1
#
_cell.length_a   56.069
_cell.length_b   56.069
_cell.length_c   128.829
_cell.angle_alpha   90.00
_cell.angle_beta   90.00
_cell.angle_gamma   90.00
#
_symmetry.space_group_name_H-M   'P 43 21 2'
#
loop_
_entity.id
_entity.type
_entity.pdbx_description
1 polymer 'Cathepsin K'
2 non-polymer 4-cycloheptyl-6-(3-piperidin-1-ylpropyl)pyrimidine-2-carbonitrile
3 non-polymer 'SULFATE ION'
4 water water
#
_entity_poly.entity_id   1
_entity_poly.type   'polypeptide(L)'
_entity_poly.pdbx_seq_one_letter_code
;APDSVDYRKKGYVTPVKNQGQCGSCWAFSSVGALEGQLKKKTGKLLNLSPQNLVDCVSENDGCGGGYMTNAFQYVQKNRG
IDSEDAYPYVGQEESCMYNPTGKAAKCRGYREIPEGNEKALKRAVARVGPVSVAIDASLTSFQFYSKGVYYDESCNSDNL
NHAVLAVGYGIQKGNKHWIIKNSWGENWGNKGYILMARNKNNACGIANLASFPKM
;
_entity_poly.pdbx_strand_id   A
#
# COMPACT_ATOMS: atom_id res chain seq x y z
N ASP A 3 -6.37 -15.97 15.63
CA ASP A 3 -5.47 -16.08 14.42
C ASP A 3 -5.73 -14.94 13.42
N SER A 4 -5.82 -13.72 13.95
CA SER A 4 -6.10 -12.58 13.12
C SER A 4 -5.28 -11.39 13.62
N VAL A 5 -5.08 -10.40 12.75
CA VAL A 5 -4.55 -9.11 13.19
C VAL A 5 -5.18 -7.96 12.41
N ASP A 6 -5.38 -6.83 13.07
CA ASP A 6 -5.88 -5.63 12.39
C ASP A 6 -5.04 -4.49 12.88
N TYR A 7 -4.17 -4.01 11.99
CA TYR A 7 -3.19 -3.01 12.35
C TYR A 7 -3.76 -1.60 12.49
N ARG A 8 -4.98 -1.38 11.99
CA ARG A 8 -5.68 -0.11 12.19
C ARG A 8 -5.94 0.09 13.66
N LYS A 9 -6.23 -1.00 14.36
CA LYS A 9 -6.35 -0.94 15.83
C LYS A 9 -5.04 -0.67 16.61
N LYS A 10 -3.90 -0.91 15.97
CA LYS A 10 -2.60 -0.90 16.64
C LYS A 10 -1.83 0.38 16.40
N GLY A 11 -2.44 1.30 15.62
CA GLY A 11 -1.84 2.60 15.32
C GLY A 11 -0.80 2.56 14.19
N TYR A 12 -0.87 1.52 13.37
CA TYR A 12 0.08 1.35 12.28
C TYR A 12 -0.40 1.94 10.97
N VAL A 13 -1.65 2.45 10.98
CA VAL A 13 -2.34 2.83 9.76
C VAL A 13 -2.85 4.28 9.89
N THR A 14 -2.45 5.12 8.95
CA THR A 14 -2.93 6.49 8.88
C THR A 14 -4.32 6.52 8.22
N PRO A 15 -5.00 7.69 8.23
CA PRO A 15 -6.31 7.71 7.58
C PRO A 15 -6.22 7.39 6.08
N VAL A 16 -7.35 6.93 5.53
CA VAL A 16 -7.53 6.67 4.13
C VAL A 16 -7.37 7.98 3.34
N LYS A 17 -6.65 7.87 2.23
CA LYS A 17 -6.33 8.95 1.36
C LYS A 17 -7.04 8.81 0.00
N ASN A 18 -7.03 9.88 -0.77
CA ASN A 18 -7.65 9.91 -2.09
C ASN A 18 -6.63 10.40 -3.11
N GLN A 19 -6.18 9.46 -3.95
CA GLN A 19 -5.22 9.75 -5.01
C GLN A 19 -5.81 10.61 -6.15
N GLY A 20 -7.13 10.70 -6.23
CA GLY A 20 -7.76 11.47 -7.29
C GLY A 20 -7.52 10.85 -8.65
N GLN A 21 -7.47 11.71 -9.65
N GLN A 21 -7.47 11.69 -9.68
CA GLN A 21 -7.31 11.31 -11.04
CA GLN A 21 -7.33 11.23 -11.08
C GLN A 21 -5.81 11.38 -11.36
C GLN A 21 -5.95 10.66 -11.42
N CYS A 22 -5.01 10.76 -10.49
CA CYS A 22 -3.61 10.44 -10.77
C CYS A 22 -3.32 8.93 -10.56
N GLY A 23 -2.53 8.32 -11.46
CA GLY A 23 -2.09 6.92 -11.29
C GLY A 23 -1.00 6.66 -10.24
N SER A 24 -1.26 7.11 -9.01
CA SER A 24 -0.27 7.10 -7.91
C SER A 24 -0.59 6.11 -6.79
N CYS A 25 -1.56 5.21 -7.04
CA CYS A 25 -1.89 4.16 -6.09
C CYS A 25 -0.61 3.54 -5.47
N TRP A 26 0.41 3.30 -6.30
CA TRP A 26 1.73 2.74 -5.93
C TRP A 26 2.48 3.56 -4.90
N ALA A 27 2.33 4.88 -4.99
CA ALA A 27 2.92 5.78 -4.04
C ALA A 27 2.21 5.76 -2.70
N PHE A 28 0.90 5.62 -2.70
CA PHE A 28 0.10 5.46 -1.48
C PHE A 28 0.36 4.13 -0.83
N SER A 29 0.41 3.07 -1.65
CA SER A 29 0.83 1.75 -1.17
C SER A 29 2.16 1.84 -0.44
N SER A 30 3.18 2.38 -1.13
CA SER A 30 4.53 2.55 -0.55
C SER A 30 4.58 3.37 0.76
N VAL A 31 3.99 4.57 0.76
CA VAL A 31 3.97 5.40 1.96
C VAL A 31 3.24 4.68 3.11
N GLY A 32 2.19 3.93 2.80
CA GLY A 32 1.47 3.15 3.81
C GLY A 32 2.29 2.04 4.46
N ALA A 33 3.01 1.28 3.65
CA ALA A 33 3.97 0.29 4.16
C ALA A 33 5.12 0.95 4.96
N LEU A 34 5.67 2.06 4.44
CA LEU A 34 6.64 2.88 5.20
C LEU A 34 6.12 3.37 6.57
N GLU A 35 4.89 3.90 6.61
CA GLU A 35 4.21 4.37 7.83
C GLU A 35 4.09 3.31 8.93
N GLY A 36 3.57 2.14 8.56
CA GLY A 36 3.58 0.96 9.40
C GLY A 36 4.94 0.68 10.02
N GLN A 37 5.99 0.73 9.21
CA GLN A 37 7.32 0.40 9.72
C GLN A 37 7.86 1.50 10.63
N LEU A 38 7.51 2.75 10.35
CA LEU A 38 7.79 3.87 11.20
C LEU A 38 7.20 3.64 12.63
N LYS A 39 5.98 3.09 12.69
CA LYS A 39 5.30 2.81 13.95
C LYS A 39 5.93 1.58 14.64
N LYS A 40 6.24 0.55 13.85
CA LYS A 40 6.95 -0.65 14.35
C LYS A 40 8.33 -0.31 14.99
N LYS A 41 9.09 0.53 14.32
CA LYS A 41 10.45 0.82 14.76
C LYS A 41 10.49 1.84 15.90
N THR A 42 9.63 2.86 15.81
CA THR A 42 9.76 4.08 16.62
C THR A 42 8.66 4.24 17.65
N GLY A 43 7.59 3.45 17.52
CA GLY A 43 6.42 3.60 18.39
C GLY A 43 5.42 4.69 18.02
N LYS A 44 5.76 5.50 17.02
CA LYS A 44 4.86 6.52 16.44
C LYS A 44 4.96 6.61 14.90
N LEU A 45 3.92 7.09 14.26
CA LEU A 45 4.03 7.36 12.83
C LEU A 45 3.53 8.76 12.46
N LEU A 46 3.58 9.06 11.16
CA LEU A 46 2.91 10.22 10.59
C LEU A 46 2.67 10.02 9.07
N ASN A 47 1.72 10.76 8.50
CA ASN A 47 1.53 10.75 7.03
C ASN A 47 2.85 11.04 6.30
N LEU A 48 3.24 10.14 5.41
CA LEU A 48 4.42 10.34 4.56
C LEU A 48 3.95 10.83 3.19
N SER A 49 4.90 11.36 2.42
CA SER A 49 4.58 12.06 1.15
C SER A 49 4.54 11.14 -0.09
N PRO A 50 3.35 10.77 -0.57
CA PRO A 50 3.15 10.22 -1.91
C PRO A 50 3.70 11.14 -2.98
N GLN A 51 3.63 12.46 -2.77
CA GLN A 51 4.03 13.39 -3.83
C GLN A 51 5.56 13.35 -4.06
N ASN A 52 6.33 13.34 -3.00
CA ASN A 52 7.79 13.03 -3.05
C ASN A 52 8.11 11.83 -3.95
N LEU A 53 7.39 10.75 -3.80
CA LEU A 53 7.54 9.56 -4.66
C LEU A 53 7.10 9.72 -6.15
N VAL A 54 5.91 10.25 -6.35
CA VAL A 54 5.43 10.55 -7.68
C VAL A 54 6.45 11.43 -8.39
N ASP A 55 6.93 12.51 -7.75
CA ASP A 55 7.88 13.42 -8.39
C ASP A 55 9.35 12.95 -8.50
N CYS A 56 9.81 12.12 -7.57
CA CYS A 56 11.26 11.82 -7.45
C CYS A 56 11.78 10.41 -7.84
N VAL A 57 10.88 9.42 -7.82
CA VAL A 57 11.15 8.08 -8.34
C VAL A 57 11.10 8.05 -9.87
N SER A 58 12.23 8.34 -10.50
CA SER A 58 12.35 8.40 -11.95
C SER A 58 12.15 7.03 -12.66
N GLU A 59 12.44 5.94 -11.95
CA GLU A 59 12.21 4.58 -12.46
C GLU A 59 10.71 4.21 -12.54
N ASN A 60 9.84 5.00 -11.91
CA ASN A 60 8.37 4.83 -12.04
C ASN A 60 7.82 5.84 -13.09
N ASP A 61 6.50 5.83 -13.33
CA ASP A 61 5.87 6.66 -14.38
C ASP A 61 4.97 7.76 -13.78
N GLY A 62 5.31 8.20 -12.56
CA GLY A 62 4.51 9.21 -11.83
C GLY A 62 3.03 8.90 -11.71
N CYS A 63 2.21 9.72 -12.37
CA CYS A 63 0.77 9.47 -12.44
C CYS A 63 0.34 8.40 -13.47
N GLY A 64 1.28 7.81 -14.21
CA GLY A 64 0.99 6.66 -15.08
C GLY A 64 1.40 5.30 -14.54
N GLY A 65 1.53 5.20 -13.21
CA GLY A 65 1.87 3.93 -12.56
C GLY A 65 3.33 3.78 -12.12
N GLY A 66 3.57 2.70 -11.38
CA GLY A 66 4.86 2.49 -10.75
C GLY A 66 4.81 1.30 -9.83
N TYR A 67 6.01 0.85 -9.46
CA TYR A 67 6.18 -0.27 -8.56
C TYR A 67 6.55 0.22 -7.17
N MET A 68 6.03 -0.46 -6.16
CA MET A 68 6.36 -0.14 -4.77
C MET A 68 7.86 -0.40 -4.52
N THR A 69 8.40 -1.54 -5.01
CA THR A 69 9.85 -1.85 -4.82
C THR A 69 10.75 -0.67 -5.28
N ASN A 70 10.44 -0.03 -6.40
CA ASN A 70 11.20 1.15 -6.88
C ASN A 70 11.10 2.30 -5.87
N ALA A 71 9.94 2.49 -5.25
CA ALA A 71 9.77 3.56 -4.28
C ALA A 71 10.65 3.30 -3.04
N PHE A 72 10.71 2.05 -2.59
CA PHE A 72 11.50 1.68 -1.41
C PHE A 72 13.00 1.86 -1.69
N GLN A 73 13.42 1.45 -2.87
CA GLN A 73 14.79 1.63 -3.39
C GLN A 73 15.17 3.10 -3.45
N TYR A 74 14.25 3.92 -3.97
CA TYR A 74 14.44 5.36 -3.96
C TYR A 74 14.62 5.94 -2.54
N VAL A 75 13.76 5.56 -1.58
CA VAL A 75 13.88 6.14 -0.23
C VAL A 75 15.23 5.80 0.49
N GLN A 76 15.70 4.56 0.27
CA GLN A 76 17.01 4.06 0.69
C GLN A 76 18.15 4.89 0.13
N LYS A 77 18.29 4.86 -1.19
CA LYS A 77 19.32 5.61 -1.92
C LYS A 77 19.24 7.11 -1.62
N ASN A 78 18.02 7.66 -1.54
CA ASN A 78 17.80 9.07 -1.23
C ASN A 78 18.15 9.50 0.21
N ARG A 79 18.27 8.52 1.11
CA ARG A 79 18.48 8.74 2.55
C ARG A 79 17.29 9.41 3.25
N GLY A 80 16.10 9.24 2.66
CA GLY A 80 14.90 9.77 3.23
C GLY A 80 13.70 9.90 2.33
N ILE A 81 12.57 10.14 2.99
CA ILE A 81 11.33 10.52 2.33
C ILE A 81 10.77 11.64 3.18
N ASP A 82 10.25 12.68 2.56
CA ASP A 82 9.58 13.76 3.29
C ASP A 82 8.23 13.34 3.88
N SER A 83 7.79 14.08 4.89
CA SER A 83 6.43 13.92 5.42
C SER A 83 5.41 14.52 4.43
N GLU A 84 4.15 14.13 4.57
CA GLU A 84 3.06 14.72 3.79
C GLU A 84 2.97 16.25 4.00
N ASP A 85 3.10 16.67 5.26
CA ASP A 85 2.99 18.10 5.60
C ASP A 85 4.13 18.91 4.98
N ALA A 86 5.33 18.34 4.93
CA ALA A 86 6.51 18.98 4.30
C ALA A 86 6.49 18.98 2.77
N TYR A 87 5.94 17.91 2.17
CA TYR A 87 5.87 17.79 0.71
C TYR A 87 4.45 17.31 0.37
N PRO A 88 3.48 18.24 0.31
CA PRO A 88 2.08 17.82 0.24
C PRO A 88 1.61 17.35 -1.13
N TYR A 89 0.51 16.62 -1.11
CA TYR A 89 -0.02 15.92 -2.32
C TYR A 89 -0.88 16.86 -3.18
N VAL A 90 -0.50 17.00 -4.46
CA VAL A 90 -1.19 17.90 -5.41
C VAL A 90 -1.84 17.15 -6.58
N GLY A 91 -1.71 15.82 -6.64
CA GLY A 91 -2.33 15.02 -7.69
C GLY A 91 -1.82 15.06 -9.13
N GLN A 92 -0.64 15.64 -9.34
CA GLN A 92 0.02 15.69 -10.64
C GLN A 92 1.53 15.67 -10.50
N GLU A 93 2.22 15.19 -11.53
CA GLU A 93 3.68 15.15 -11.43
C GLU A 93 4.25 16.55 -11.60
N GLU A 94 5.23 16.86 -10.76
CA GLU A 94 5.94 18.14 -10.78
C GLU A 94 7.42 17.81 -10.69
N SER A 95 8.29 18.81 -10.76
CA SER A 95 9.72 18.51 -10.61
C SER A 95 9.97 17.99 -9.19
N CYS A 96 10.96 17.12 -9.05
CA CYS A 96 11.35 16.63 -7.75
C CYS A 96 11.87 17.75 -6.84
N MET A 97 11.17 17.96 -5.72
CA MET A 97 11.44 19.07 -4.81
CA MET A 97 11.50 19.07 -4.83
C MET A 97 11.74 18.56 -3.41
N TYR A 98 12.29 17.36 -3.32
CA TYR A 98 12.60 16.75 -2.04
C TYR A 98 13.57 17.61 -1.23
N ASN A 99 13.30 17.80 0.04
CA ASN A 99 14.23 18.52 0.93
C ASN A 99 14.50 17.71 2.18
N PRO A 100 15.79 17.42 2.48
CA PRO A 100 16.11 16.64 3.67
C PRO A 100 15.66 17.23 4.99
N THR A 101 15.28 18.52 5.01
CA THR A 101 14.73 19.19 6.18
CA THR A 101 14.74 19.14 6.22
C THR A 101 13.31 18.69 6.51
N GLY A 102 12.60 18.20 5.50
CA GLY A 102 11.29 17.58 5.74
C GLY A 102 11.33 16.08 5.98
N LYS A 103 12.53 15.51 6.07
CA LYS A 103 12.69 14.06 6.18
C LYS A 103 11.99 13.46 7.42
N ALA A 104 11.16 12.44 7.19
CA ALA A 104 10.33 11.80 8.24
C ALA A 104 10.52 10.28 8.36
N ALA A 105 11.15 9.64 7.38
CA ALA A 105 11.37 8.21 7.46
C ALA A 105 12.58 7.88 6.62
N LYS A 106 13.19 6.75 6.93
CA LYS A 106 14.29 6.22 6.17
C LYS A 106 14.00 4.74 5.85
N CYS A 107 14.81 4.19 4.96
CA CYS A 107 14.65 2.83 4.43
C CYS A 107 16.04 2.22 4.19
N ARG A 108 16.28 1.01 4.67
CA ARG A 108 17.54 0.30 4.33
C ARG A 108 17.34 -0.95 3.49
N GLY A 109 16.33 -0.90 2.62
CA GLY A 109 16.04 -1.93 1.65
C GLY A 109 14.58 -2.36 1.70
N TYR A 110 14.29 -3.50 1.07
CA TYR A 110 12.93 -4.09 0.99
C TYR A 110 13.08 -5.58 0.72
N ARG A 111 12.03 -6.33 1.04
CA ARG A 111 11.97 -7.74 0.69
C ARG A 111 10.66 -7.98 -0.02
N GLU A 112 10.70 -8.87 -1.01
CA GLU A 112 9.55 -9.28 -1.78
C GLU A 112 9.11 -10.63 -1.25
N ILE A 113 7.81 -10.76 -1.00
CA ILE A 113 7.21 -12.02 -0.65
C ILE A 113 7.24 -12.94 -1.88
N PRO A 114 7.61 -14.23 -1.68
CA PRO A 114 7.52 -15.18 -2.80
C PRO A 114 6.14 -15.19 -3.53
N GLU A 115 6.26 -15.11 -4.86
CA GLU A 115 5.15 -14.90 -5.77
C GLU A 115 4.10 -15.98 -5.64
N GLY A 116 2.86 -15.55 -5.32
CA GLY A 116 1.69 -16.43 -5.31
C GLY A 116 1.49 -17.15 -3.99
N ASN A 117 2.39 -16.88 -3.05
CA ASN A 117 2.37 -17.57 -1.76
C ASN A 117 1.69 -16.77 -0.64
N GLU A 118 0.40 -17.05 -0.41
CA GLU A 118 -0.41 -16.37 0.61
C GLU A 118 -0.03 -16.80 2.03
N LYS A 119 0.46 -18.02 2.22
CA LYS A 119 1.05 -18.41 3.51
C LYS A 119 2.19 -17.47 3.90
N ALA A 120 3.08 -17.21 2.95
CA ALA A 120 4.26 -16.37 3.18
C ALA A 120 3.82 -14.92 3.48
N LEU A 121 2.83 -14.46 2.71
CA LEU A 121 2.18 -13.17 2.91
C LEU A 121 1.60 -13.06 4.32
N LYS A 122 0.93 -14.11 4.80
CA LYS A 122 0.32 -14.05 6.13
C LYS A 122 1.43 -13.91 7.18
N ARG A 123 2.53 -14.63 6.97
CA ARG A 123 3.67 -14.56 7.88
C ARG A 123 4.25 -13.15 7.87
N ALA A 124 4.30 -12.56 6.69
CA ALA A 124 4.83 -11.24 6.50
C ALA A 124 4.00 -10.17 7.22
N VAL A 125 2.68 -10.22 7.06
CA VAL A 125 1.76 -9.32 7.77
C VAL A 125 1.86 -9.47 9.30
N ALA A 126 1.99 -10.70 9.79
CA ALA A 126 2.13 -10.98 11.23
C ALA A 126 3.46 -10.49 11.78
N ARG A 127 4.53 -10.62 11.01
CA ARG A 127 5.91 -10.42 11.51
C ARG A 127 6.53 -9.07 11.20
N VAL A 128 6.00 -8.44 10.14
CA VAL A 128 6.43 -7.10 9.69
C VAL A 128 5.37 -6.07 10.02
N GLY A 129 4.15 -6.34 9.58
CA GLY A 129 3.11 -5.34 9.61
C GLY A 129 2.52 -5.11 8.23
N PRO A 130 1.86 -3.93 8.02
CA PRO A 130 1.30 -3.63 6.70
C PRO A 130 2.27 -3.92 5.56
N VAL A 131 1.77 -4.63 4.54
CA VAL A 131 2.60 -5.02 3.38
C VAL A 131 1.97 -4.44 2.13
N SER A 132 2.76 -3.82 1.27
CA SER A 132 2.34 -3.38 -0.09
C SER A 132 2.04 -4.57 -1.02
N VAL A 133 0.86 -4.58 -1.63
CA VAL A 133 0.43 -5.62 -2.55
C VAL A 133 -0.23 -4.99 -3.78
N ALA A 134 -0.36 -5.78 -4.82
CA ALA A 134 -0.99 -5.36 -6.08
C ALA A 134 -1.96 -6.44 -6.52
N ILE A 135 -3.00 -5.96 -7.16
CA ILE A 135 -4.18 -6.78 -7.44
C ILE A 135 -4.82 -6.37 -8.77
N ASP A 136 -5.73 -7.20 -9.22
CA ASP A 136 -6.62 -6.88 -10.31
C ASP A 136 -7.80 -6.21 -9.62
N ALA A 137 -7.92 -4.90 -9.81
CA ALA A 137 -9.03 -4.11 -9.31
C ALA A 137 -9.95 -3.66 -10.48
N SER A 138 -9.76 -4.25 -11.66
CA SER A 138 -10.42 -3.84 -12.90
C SER A 138 -11.90 -4.20 -12.98
N LEU A 139 -12.33 -5.17 -12.19
CA LEU A 139 -13.72 -5.61 -12.21
C LEU A 139 -14.68 -4.55 -11.61
N THR A 140 -15.85 -4.44 -12.23
CA THR A 140 -16.90 -3.56 -11.74
C THR A 140 -17.28 -3.93 -10.29
N SER A 141 -17.25 -5.22 -9.97
CA SER A 141 -17.63 -5.73 -8.66
C SER A 141 -16.70 -5.34 -7.50
N PHE A 142 -15.39 -5.25 -7.78
CA PHE A 142 -14.42 -4.64 -6.85
C PHE A 142 -14.75 -3.16 -6.62
N GLN A 143 -14.92 -2.40 -7.71
CA GLN A 143 -15.21 -0.96 -7.62
C GLN A 143 -16.48 -0.65 -6.77
N PHE A 144 -17.52 -1.48 -6.89
CA PHE A 144 -18.75 -1.25 -6.11
C PHE A 144 -18.85 -2.00 -4.78
N TYR A 145 -17.75 -2.61 -4.34
CA TYR A 145 -17.66 -3.24 -3.01
C TYR A 145 -18.15 -2.33 -1.87
N SER A 146 -18.94 -2.93 -0.99
CA SER A 146 -19.43 -2.25 0.20
C SER A 146 -19.25 -3.04 1.49
N LYS A 147 -19.55 -4.34 1.48
CA LYS A 147 -19.54 -5.20 2.68
C LYS A 147 -19.14 -6.66 2.36
N GLY A 148 -18.73 -7.39 3.40
CA GLY A 148 -18.40 -8.80 3.27
C GLY A 148 -17.01 -9.09 2.72
N VAL A 149 -16.78 -10.35 2.36
CA VAL A 149 -15.48 -10.78 1.87
C VAL A 149 -15.49 -10.90 0.35
N TYR A 150 -14.70 -10.04 -0.29
CA TYR A 150 -14.76 -9.90 -1.74
C TYR A 150 -14.12 -11.09 -2.39
N TYR A 151 -14.93 -11.78 -3.18
CA TYR A 151 -14.46 -12.83 -4.04
C TYR A 151 -15.21 -12.76 -5.36
N ASP A 152 -14.46 -12.68 -6.45
CA ASP A 152 -15.04 -12.74 -7.77
C ASP A 152 -14.21 -13.70 -8.60
N GLU A 153 -14.91 -14.66 -9.17
CA GLU A 153 -14.30 -15.71 -10.00
C GLU A 153 -13.69 -15.20 -11.29
N SER A 154 -14.12 -14.02 -11.75
CA SER A 154 -13.54 -13.38 -12.94
C SER A 154 -12.22 -12.62 -12.67
N CYS A 155 -11.83 -12.48 -11.41
CA CYS A 155 -10.61 -11.75 -11.09
C CYS A 155 -9.37 -12.44 -11.69
N ASN A 156 -8.54 -11.65 -12.35
CA ASN A 156 -7.38 -12.13 -13.10
C ASN A 156 -6.05 -11.91 -12.34
N SER A 157 -5.42 -13.00 -11.88
CA SER A 157 -4.20 -12.90 -11.07
C SER A 157 -2.95 -12.52 -11.90
N ASP A 158 -3.04 -12.64 -13.22
CA ASP A 158 -1.96 -12.19 -14.11
C ASP A 158 -2.20 -10.78 -14.66
N ASN A 159 -3.26 -10.14 -14.19
CA ASN A 159 -3.56 -8.75 -14.55
C ASN A 159 -3.51 -7.78 -13.34
N LEU A 160 -2.30 -7.53 -12.84
CA LEU A 160 -2.09 -6.62 -11.73
C LEU A 160 -2.10 -5.18 -12.25
N ASN A 161 -3.09 -4.40 -11.80
CA ASN A 161 -3.34 -3.05 -12.35
C ASN A 161 -3.64 -1.99 -11.27
N HIS A 162 -3.56 -2.38 -10.01
CA HIS A 162 -3.81 -1.46 -8.92
C HIS A 162 -3.01 -1.89 -7.72
N ALA A 163 -2.49 -0.89 -6.99
CA ALA A 163 -1.61 -1.08 -5.85
C ALA A 163 -2.35 -0.63 -4.61
N VAL A 164 -2.33 -1.52 -3.62
CA VAL A 164 -3.00 -1.33 -2.32
C VAL A 164 -2.12 -1.80 -1.16
N LEU A 165 -2.72 -1.95 0.02
CA LEU A 165 -1.97 -2.24 1.24
C LEU A 165 -2.74 -3.16 2.15
N ALA A 166 -2.16 -4.34 2.40
CA ALA A 166 -2.64 -5.32 3.38
C ALA A 166 -2.34 -4.88 4.82
N VAL A 167 -3.37 -4.48 5.55
CA VAL A 167 -3.24 -4.00 6.93
C VAL A 167 -3.68 -5.01 8.00
N GLY A 168 -3.98 -6.24 7.55
CA GLY A 168 -4.28 -7.33 8.44
C GLY A 168 -4.93 -8.51 7.74
N TYR A 169 -5.46 -9.44 8.56
CA TYR A 169 -6.16 -10.65 8.09
C TYR A 169 -7.00 -11.18 9.24
N GLY A 170 -8.00 -11.97 8.88
CA GLY A 170 -8.87 -12.65 9.83
C GLY A 170 -9.87 -13.51 9.05
N ILE A 171 -11.05 -13.64 9.66
CA ILE A 171 -12.14 -14.45 9.15
C ILE A 171 -13.48 -13.70 9.40
N GLN A 172 -14.38 -13.68 8.42
CA GLN A 172 -15.69 -13.08 8.66
C GLN A 172 -16.74 -14.01 8.09
N LYS A 173 -17.73 -14.33 8.92
CA LYS A 173 -18.82 -15.25 8.60
C LYS A 173 -18.33 -16.51 7.91
N GLY A 174 -17.19 -17.01 8.37
CA GLY A 174 -16.61 -18.24 7.83
C GLY A 174 -15.67 -18.01 6.67
N ASN A 175 -15.53 -16.76 6.23
CA ASN A 175 -14.72 -16.40 5.06
C ASN A 175 -13.40 -15.77 5.45
N LYS A 176 -12.30 -16.48 5.16
CA LYS A 176 -10.99 -15.94 5.43
C LYS A 176 -10.75 -14.74 4.54
N HIS A 177 -10.13 -13.71 5.11
CA HIS A 177 -9.91 -12.45 4.38
C HIS A 177 -8.56 -11.77 4.67
N TRP A 178 -8.21 -10.88 3.72
CA TRP A 178 -7.22 -9.80 3.84
C TRP A 178 -7.93 -8.44 4.08
N ILE A 179 -7.48 -7.62 5.04
CA ILE A 179 -8.02 -6.27 5.25
C ILE A 179 -7.19 -5.38 4.35
N ILE A 180 -7.82 -4.83 3.32
CA ILE A 180 -7.10 -4.00 2.35
C ILE A 180 -7.43 -2.51 2.51
N LYS A 181 -6.39 -1.69 2.70
CA LYS A 181 -6.50 -0.26 2.60
C LYS A 181 -6.30 0.20 1.15
N ASN A 182 -7.28 0.91 0.62
CA ASN A 182 -7.22 1.53 -0.71
C ASN A 182 -6.96 3.04 -0.60
N SER A 183 -6.82 3.71 -1.73
CA SER A 183 -6.54 5.12 -1.75
C SER A 183 -7.54 5.81 -2.69
N TRP A 184 -8.79 5.42 -2.57
CA TRP A 184 -9.87 6.04 -3.32
C TRP A 184 -10.79 6.88 -2.41
N GLY A 185 -10.29 7.35 -1.27
CA GLY A 185 -11.08 8.13 -0.33
C GLY A 185 -11.83 7.30 0.67
N GLU A 186 -12.21 7.92 1.79
CA GLU A 186 -12.98 7.21 2.82
C GLU A 186 -14.37 6.84 2.29
N ASN A 187 -14.78 7.51 1.23
CA ASN A 187 -16.10 7.30 0.66
C ASN A 187 -16.28 5.97 0.02
N TRP A 188 -15.17 5.44 -0.51
CA TRP A 188 -15.16 4.21 -1.28
C TRP A 188 -15.22 2.98 -0.37
N GLY A 189 -15.84 1.91 -0.84
CA GLY A 189 -15.86 0.63 -0.11
C GLY A 189 -16.48 0.77 1.27
N ASN A 190 -15.81 0.19 2.26
CA ASN A 190 -16.20 0.29 3.67
C ASN A 190 -15.21 1.20 4.39
N LYS A 191 -15.49 2.49 4.33
CA LYS A 191 -14.65 3.55 4.91
C LYS A 191 -13.25 3.59 4.28
N GLY A 192 -13.20 3.37 2.97
CA GLY A 192 -11.95 3.24 2.22
C GLY A 192 -11.27 1.87 2.26
N TYR A 193 -11.88 0.90 2.94
CA TYR A 193 -11.32 -0.44 3.10
C TYR A 193 -12.10 -1.46 2.28
N ILE A 194 -11.39 -2.53 1.90
CA ILE A 194 -12.03 -3.77 1.43
C ILE A 194 -11.46 -5.06 2.08
N LEU A 195 -12.35 -6.00 2.43
CA LEU A 195 -11.97 -7.36 2.80
C LEU A 195 -11.90 -8.17 1.52
N MET A 196 -10.73 -8.73 1.23
CA MET A 196 -10.52 -9.61 0.06
C MET A 196 -10.26 -11.08 0.45
N ALA A 197 -10.81 -12.01 -0.33
CA ALA A 197 -10.66 -13.45 -0.08
C ALA A 197 -9.19 -13.85 0.11
N ARG A 198 -8.96 -14.57 1.21
CA ARG A 198 -7.67 -15.13 1.58
C ARG A 198 -7.75 -16.63 1.42
N ASN A 199 -6.67 -17.21 0.92
CA ASN A 199 -6.54 -18.67 0.68
C ASN A 199 -7.60 -19.21 -0.31
N LYS A 200 -8.01 -18.36 -1.25
CA LYS A 200 -8.89 -18.76 -2.35
C LYS A 200 -8.09 -18.69 -3.63
N ASN A 201 -6.99 -19.46 -3.64
CA ASN A 201 -6.14 -19.60 -4.80
C ASN A 201 -5.65 -18.24 -5.31
N ASN A 202 -5.13 -17.44 -4.37
CA ASN A 202 -4.50 -16.15 -4.71
C ASN A 202 -5.49 -15.24 -5.47
N ALA A 203 -6.68 -15.08 -4.90
CA ALA A 203 -7.76 -14.33 -5.54
C ALA A 203 -7.30 -12.91 -5.87
N CYS A 204 -7.51 -12.50 -7.12
CA CYS A 204 -7.09 -11.20 -7.66
C CYS A 204 -5.56 -10.99 -7.68
N GLY A 205 -4.77 -12.05 -7.55
CA GLY A 205 -3.31 -11.91 -7.52
C GLY A 205 -2.73 -11.18 -6.30
N ILE A 206 -3.43 -11.24 -5.19
CA ILE A 206 -3.04 -10.59 -3.95
C ILE A 206 -1.60 -10.82 -3.49
N ALA A 207 -1.10 -12.05 -3.65
CA ALA A 207 0.30 -12.43 -3.29
C ALA A 207 1.30 -12.43 -4.45
N ASN A 208 0.94 -11.87 -5.60
CA ASN A 208 1.81 -11.92 -6.77
C ASN A 208 2.84 -10.82 -6.83
N LEU A 209 2.57 -9.66 -6.20
CA LEU A 209 3.50 -8.54 -6.13
C LEU A 209 3.54 -7.84 -4.75
N ALA A 210 3.89 -8.62 -3.71
CA ALA A 210 3.88 -8.19 -2.30
C ALA A 210 5.29 -7.87 -1.78
N SER A 211 5.45 -6.74 -1.13
CA SER A 211 6.74 -6.33 -0.64
C SER A 211 6.57 -5.45 0.59
N PHE A 212 7.63 -5.34 1.38
CA PHE A 212 7.67 -4.37 2.46
C PHE A 212 9.06 -3.73 2.52
N PRO A 213 9.17 -2.52 3.10
CA PRO A 213 10.43 -1.81 3.30
C PRO A 213 11.14 -2.24 4.61
N LYS A 214 12.47 -2.17 4.59
CA LYS A 214 13.26 -2.43 5.77
C LYS A 214 13.57 -1.10 6.40
N MET A 215 13.63 -1.08 7.73
CA MET A 215 13.86 0.15 8.46
C MET A 215 14.68 -0.07 9.75
#